data_8Q8O
#
_entry.id   8Q8O
#
_cell.length_a   68.862
_cell.length_b   68.862
_cell.length_c   281.073
_cell.angle_alpha   90.000
_cell.angle_beta   90.000
_cell.angle_gamma   120.000
#
_symmetry.space_group_name_H-M   'P 65 2 2'
#
loop_
_entity.id
_entity.type
_entity.pdbx_description
1 polymer 'DUF2170 family protein'
2 non-polymer GLYCEROL
3 non-polymer Tb-Xo4
4 water water
#
_entity_poly.entity_id   1
_entity_poly.type   'polypeptide(L)'
_entity_poly.pdbx_seq_one_letter_code
;TEARVWNARSLAEALSGTELFSSGEAQIELIEGAEASLYVIMREYGDLPVFVAPQGEQIIVEALLWPESDVTDATAFNEE
VLLSRQLFPLSSIGLLNLPGEERCYSMFGALSTTSSLASVLHEIETLAGNVIRATEVYAGYLKARA
;
_entity_poly.pdbx_strand_id   A,B
#
# COMPACT_ATOMS: atom_id res chain seq x y z
N ARG A 4 -12.34 -34.93 8.25
CA ARG A 4 -12.16 -35.37 6.87
C ARG A 4 -12.20 -34.17 5.91
N VAL A 5 -12.52 -33.00 6.45
CA VAL A 5 -12.46 -31.75 5.69
C VAL A 5 -13.04 -30.64 6.56
N TRP A 6 -12.58 -29.42 6.34
CA TRP A 6 -12.95 -28.31 7.22
C TRP A 6 -14.41 -27.91 7.02
N ASN A 7 -15.06 -27.56 8.12
CA ASN A 7 -16.32 -26.83 8.10
C ASN A 7 -16.16 -25.59 8.97
N ALA A 8 -17.10 -24.65 8.82
CA ALA A 8 -17.01 -23.39 9.55
C ALA A 8 -16.87 -23.63 11.05
N ARG A 9 -17.59 -24.61 11.59
CA ARG A 9 -17.56 -24.85 13.03
C ARG A 9 -16.22 -25.48 13.46
N SER A 10 -15.80 -26.54 12.77
CA SER A 10 -14.54 -27.19 13.12
C SER A 10 -13.36 -26.26 12.92
N LEU A 11 -13.39 -25.46 11.85
CA LEU A 11 -12.30 -24.52 11.59
C LEU A 11 -12.25 -23.42 12.64
N ALA A 12 -13.42 -22.95 13.08
CA ALA A 12 -13.46 -21.93 14.12
C ALA A 12 -12.89 -22.47 15.43
N GLU A 13 -13.17 -23.73 15.76
CA GLU A 13 -12.64 -24.33 16.97
C GLU A 13 -11.11 -24.44 16.89
N ALA A 14 -10.60 -24.98 15.79
CA ALA A 14 -9.15 -25.10 15.63
C ALA A 14 -8.47 -23.75 15.75
N LEU A 15 -9.01 -22.74 15.04
CA LEU A 15 -8.39 -21.42 15.09
C LEU A 15 -8.40 -20.85 16.50
N SER A 16 -9.47 -21.09 17.26
CA SER A 16 -9.58 -20.52 18.60
C SER A 16 -8.43 -20.97 19.49
N GLY A 17 -7.90 -22.17 19.27
CA GLY A 17 -6.83 -22.70 20.08
C GLY A 17 -5.43 -22.28 19.69
N THR A 18 -5.29 -21.47 18.65
CA THR A 18 -3.96 -21.04 18.22
C THR A 18 -3.51 -19.82 19.04
N GLU A 19 -2.20 -19.56 19.02
CA GLU A 19 -1.65 -18.47 19.81
C GLU A 19 -2.29 -17.14 19.43
N LEU A 20 -2.51 -16.90 18.15
CA LEU A 20 -3.05 -15.62 17.72
C LEU A 20 -4.40 -15.33 18.37
N PHE A 21 -5.20 -16.37 18.64
CA PHE A 21 -6.51 -16.18 19.23
C PHE A 21 -6.50 -16.34 20.75
N SER A 22 -5.75 -17.32 21.26
CA SER A 22 -5.59 -17.46 22.71
C SER A 22 -5.05 -16.19 23.35
N SER A 23 -4.28 -15.39 22.60
CA SER A 23 -3.67 -14.19 23.14
C SER A 23 -4.56 -12.96 22.99
N GLY A 24 -5.67 -13.07 22.26
CA GLY A 24 -6.55 -11.95 22.03
C GLY A 24 -6.18 -11.08 20.86
N GLU A 25 -5.04 -11.33 20.21
CA GLU A 25 -4.66 -10.56 19.02
C GLU A 25 -5.63 -10.77 17.88
N ALA A 26 -6.41 -11.84 17.90
CA ALA A 26 -7.51 -12.06 16.98
C ALA A 26 -8.60 -12.83 17.71
N GLN A 27 -9.83 -12.69 17.24
CA GLN A 27 -10.94 -13.38 17.87
C GLN A 27 -11.90 -13.90 16.81
N ILE A 28 -12.56 -15.01 17.14
CA ILE A 28 -13.50 -15.67 16.25
C ILE A 28 -14.88 -15.07 16.44
N GLU A 29 -15.60 -14.85 15.34
CA GLU A 29 -17.01 -14.47 15.36
C GLU A 29 -17.74 -15.45 14.44
N LEU A 30 -18.25 -16.53 15.03
CA LEU A 30 -18.99 -17.54 14.29
C LEU A 30 -20.49 -17.23 14.37
N ILE A 31 -21.10 -16.99 13.22
CA ILE A 31 -22.53 -16.67 13.15
C ILE A 31 -23.31 -17.98 13.04
N GLU A 32 -24.00 -18.34 14.12
CA GLU A 32 -24.83 -19.53 14.11
C GLU A 32 -26.05 -19.34 13.22
N GLY A 33 -26.49 -20.42 12.59
CA GLY A 33 -27.65 -20.37 11.73
C GLY A 33 -27.86 -21.69 11.02
N ALA A 34 -28.57 -21.63 9.89
CA ALA A 34 -28.74 -22.80 9.04
C ALA A 34 -27.40 -23.48 8.83
N GLU A 35 -26.51 -22.80 8.10
CA GLU A 35 -25.10 -23.17 8.01
C GLU A 35 -24.27 -22.01 8.51
N ALA A 36 -23.35 -22.30 9.42
CA ALA A 36 -22.61 -21.26 10.11
C ALA A 36 -21.73 -20.47 9.14
N SER A 37 -21.41 -19.24 9.54
CA SER A 37 -20.52 -18.35 8.80
C SER A 37 -19.42 -17.90 9.75
N LEU A 38 -18.17 -18.05 9.32
CA LEU A 38 -17.01 -17.76 10.16
C LEU A 38 -16.41 -16.42 9.80
N TYR A 39 -16.11 -15.62 10.81
CA TYR A 39 -15.46 -14.32 10.65
C TYR A 39 -14.32 -14.21 11.67
N VAL A 40 -13.20 -13.66 11.22
CA VAL A 40 -12.04 -13.44 12.08
C VAL A 40 -11.78 -11.94 12.15
N ILE A 41 -11.67 -11.42 13.37
CA ILE A 41 -11.39 -10.00 13.59
C ILE A 41 -9.92 -9.88 13.98
N MET A 42 -9.13 -9.25 13.13
CA MET A 42 -7.70 -9.05 13.38
C MET A 42 -7.55 -7.82 14.26
N ARG A 43 -7.47 -8.05 15.58
CA ARG A 43 -7.41 -6.94 16.53
C ARG A 43 -6.23 -6.02 16.27
N GLU A 44 -5.10 -6.58 15.82
CA GLU A 44 -3.90 -5.78 15.59
C GLU A 44 -3.89 -5.11 14.23
N TYR A 45 -4.98 -5.20 13.46
CA TYR A 45 -5.14 -4.49 12.19
C TYR A 45 -6.36 -3.58 12.23
N GLY A 46 -6.62 -2.98 13.38
CA GLY A 46 -7.80 -2.16 13.53
C GLY A 46 -9.10 -2.92 13.49
N ASP A 47 -9.12 -4.16 13.99
CA ASP A 47 -10.34 -4.96 14.02
C ASP A 47 -10.83 -5.29 12.61
N LEU A 48 -9.89 -5.50 11.70
CA LEU A 48 -10.23 -5.85 10.33
C LEU A 48 -10.98 -7.19 10.30
N PRO A 49 -12.24 -7.21 9.86
CA PRO A 49 -12.97 -8.48 9.80
C PRO A 49 -12.60 -9.26 8.55
N VAL A 50 -12.38 -10.56 8.73
CA VAL A 50 -12.00 -11.47 7.65
C VAL A 50 -13.03 -12.58 7.55
N PHE A 51 -13.56 -12.80 6.35
CA PHE A 51 -14.53 -13.85 6.10
C PHE A 51 -13.79 -15.14 5.73
N VAL A 52 -14.13 -16.23 6.42
CA VAL A 52 -13.53 -17.53 6.19
C VAL A 52 -14.63 -18.53 5.87
N ALA A 53 -14.63 -19.04 4.64
CA ALA A 53 -15.71 -19.93 4.23
C ALA A 53 -15.22 -21.11 3.42
N PRO A 54 -15.48 -22.34 3.85
CA PRO A 54 -15.21 -23.50 3.00
C PRO A 54 -16.30 -23.66 1.95
N GLN A 55 -15.90 -24.06 0.74
CA GLN A 55 -16.81 -24.03 -0.40
C GLN A 55 -16.54 -25.17 -1.38
N GLY A 56 -16.21 -26.35 -0.85
CA GLY A 56 -16.10 -27.52 -1.71
C GLY A 56 -14.80 -27.64 -2.47
N GLU A 57 -14.55 -26.71 -3.40
CA GLU A 57 -13.32 -26.72 -4.19
CA GLU A 57 -13.33 -26.70 -4.21
C GLU A 57 -12.25 -25.79 -3.64
N GLN A 58 -12.50 -25.16 -2.49
CA GLN A 58 -11.51 -24.24 -1.91
C GLN A 58 -12.10 -23.64 -0.64
N ILE A 59 -11.21 -23.21 0.25
CA ILE A 59 -11.56 -22.39 1.40
C ILE A 59 -11.26 -20.95 1.03
N ILE A 60 -12.29 -20.10 1.09
CA ILE A 60 -12.17 -18.70 0.70
C ILE A 60 -11.91 -17.85 1.94
N VAL A 61 -10.93 -16.96 1.83
CA VAL A 61 -10.61 -15.99 2.87
C VAL A 61 -10.63 -14.62 2.23
N GLU A 62 -11.51 -13.73 2.72
CA GLU A 62 -11.78 -12.48 2.04
C GLU A 62 -11.89 -11.34 3.03
N ALA A 63 -11.42 -10.17 2.61
CA ALA A 63 -11.55 -8.94 3.36
C ALA A 63 -11.82 -7.80 2.39
N LEU A 64 -12.43 -6.73 2.90
CA LEU A 64 -12.77 -5.57 2.08
C LEU A 64 -11.61 -4.60 2.03
N LEU A 65 -11.42 -3.98 0.86
CA LEU A 65 -10.37 -2.97 0.69
C LEU A 65 -10.95 -1.57 0.81
N TRP A 66 -11.74 -1.16 -0.17
CA TRP A 66 -12.33 0.17 -0.20
C TRP A 66 -13.42 0.20 -1.27
N PRO A 67 -14.38 1.11 -1.15
CA PRO A 67 -15.46 1.17 -2.15
C PRO A 67 -14.93 1.59 -3.51
N GLU A 68 -15.56 1.04 -4.55
CA GLU A 68 -15.26 1.43 -5.91
C GLU A 68 -15.31 2.95 -6.09
N SER A 69 -16.02 3.66 -5.22
CA SER A 69 -16.14 5.11 -5.33
C SER A 69 -14.86 5.82 -4.91
N ASP A 70 -14.06 5.19 -4.04
CA ASP A 70 -12.80 5.79 -3.58
C ASP A 70 -11.70 5.75 -4.64
N VAL A 71 -11.91 5.06 -5.75
CA VAL A 71 -10.89 4.94 -6.78
C VAL A 71 -11.08 6.06 -7.80
N THR A 72 -10.03 6.84 -8.02
CA THR A 72 -10.12 7.96 -8.96
C THR A 72 -10.44 7.46 -10.36
N ASP A 73 -9.66 6.51 -10.87
CA ASP A 73 -9.77 6.03 -12.25
C ASP A 73 -9.92 4.50 -12.21
N ALA A 74 -11.16 4.04 -12.05
CA ALA A 74 -11.39 2.60 -11.97
C ALA A 74 -10.80 1.86 -13.16
N THR A 75 -10.85 2.48 -14.35
CA THR A 75 -10.32 1.82 -15.53
C THR A 75 -8.82 1.59 -15.42
N ALA A 76 -8.07 2.63 -15.02
CA ALA A 76 -6.63 2.48 -14.88
C ALA A 76 -6.28 1.58 -13.71
N PHE A 77 -7.06 1.65 -12.62
CA PHE A 77 -6.77 0.84 -11.45
C PHE A 77 -7.01 -0.64 -11.73
N ASN A 78 -8.04 -0.96 -12.51
CA ASN A 78 -8.31 -2.35 -12.85
C ASN A 78 -7.12 -2.96 -13.59
N GLU A 79 -6.60 -2.25 -14.59
CA GLU A 79 -5.46 -2.76 -15.34
C GLU A 79 -4.24 -2.91 -14.44
N GLU A 80 -4.02 -1.94 -13.53
CA GLU A 80 -2.88 -2.04 -12.63
C GLU A 80 -3.02 -3.23 -11.69
N VAL A 81 -4.24 -3.53 -11.26
CA VAL A 81 -4.46 -4.69 -10.39
C VAL A 81 -4.01 -5.96 -11.08
N LEU A 82 -4.36 -6.13 -12.36
CA LEU A 82 -3.98 -7.32 -13.10
C LEU A 82 -2.49 -7.36 -13.41
N LEU A 83 -1.83 -6.21 -13.48
CA LEU A 83 -0.41 -6.17 -13.77
C LEU A 83 0.46 -6.43 -12.54
N SER A 84 -0.10 -6.28 -11.33
CA SER A 84 0.67 -6.33 -10.10
C SER A 84 0.20 -7.44 -9.17
N ARG A 85 -0.10 -8.62 -9.74
CA ARG A 85 -0.39 -9.78 -8.90
C ARG A 85 0.75 -10.06 -7.94
N GLN A 86 1.99 -9.88 -8.40
CA GLN A 86 3.15 -10.19 -7.58
C GLN A 86 3.14 -9.40 -6.27
N LEU A 87 2.46 -8.24 -6.24
CA LEU A 87 2.54 -7.37 -5.08
C LEU A 87 2.12 -8.09 -3.81
N PHE A 88 1.08 -8.92 -3.88
CA PHE A 88 0.51 -9.54 -2.69
C PHE A 88 0.59 -11.06 -2.81
N PRO A 89 1.43 -11.72 -2.03
CA PRO A 89 1.51 -13.18 -2.09
C PRO A 89 0.32 -13.84 -1.41
N LEU A 90 -0.19 -14.90 -2.04
CA LEU A 90 -1.22 -15.79 -1.55
C LEU A 90 -2.63 -15.21 -1.70
N SER A 91 -2.77 -13.93 -2.07
CA SER A 91 -4.09 -13.33 -2.20
C SER A 91 -4.14 -12.45 -3.45
N SER A 92 -5.35 -12.20 -3.92
CA SER A 92 -5.58 -11.39 -5.10
C SER A 92 -6.79 -10.49 -4.88
N ILE A 93 -6.83 -9.40 -5.63
CA ILE A 93 -7.85 -8.36 -5.46
C ILE A 93 -9.05 -8.68 -6.35
N GLY A 94 -10.25 -8.37 -5.84
CA GLY A 94 -11.47 -8.61 -6.58
C GLY A 94 -12.46 -7.47 -6.43
N LEU A 95 -13.61 -7.62 -7.09
CA LEU A 95 -14.70 -6.68 -7.03
C LEU A 95 -15.97 -7.39 -6.57
N LEU A 96 -16.66 -6.81 -5.61
CA LEU A 96 -17.87 -7.40 -5.04
C LEU A 96 -19.05 -6.46 -5.22
N ASN A 97 -20.25 -6.98 -4.90
CA ASN A 97 -21.49 -6.22 -4.94
C ASN A 97 -22.24 -6.37 -3.63
N LEU A 98 -22.99 -5.33 -3.27
CA LEU A 98 -23.85 -5.40 -2.10
C LEU A 98 -25.09 -6.23 -2.40
N GLU A 102 -23.07 -0.96 -2.77
CA GLU A 102 -22.20 -0.41 -3.81
C GLU A 102 -20.92 -1.25 -3.96
N ARG A 103 -20.46 -1.41 -5.20
CA ARG A 103 -19.29 -2.25 -5.47
C ARG A 103 -18.12 -1.89 -4.57
N CYS A 104 -17.43 -2.91 -4.06
CA CYS A 104 -16.29 -2.75 -3.18
C CYS A 104 -15.14 -3.62 -3.66
N TYR A 105 -13.91 -3.13 -3.51
CA TYR A 105 -12.73 -3.92 -3.85
C TYR A 105 -12.37 -4.82 -2.67
N SER A 106 -12.15 -6.11 -2.95
CA SER A 106 -11.85 -7.09 -1.92
C SER A 106 -10.48 -7.69 -2.15
N MET A 107 -9.96 -8.30 -1.08
CA MET A 107 -8.71 -9.05 -1.12
C MET A 107 -9.01 -10.46 -0.64
N PHE A 108 -8.98 -11.42 -1.56
CA PHE A 108 -9.36 -12.78 -1.26
C PHE A 108 -8.18 -13.74 -1.45
N GLY A 109 -8.12 -14.75 -0.60
CA GLY A 109 -7.17 -15.83 -0.74
C GLY A 109 -7.91 -17.15 -0.87
N ALA A 110 -7.27 -18.13 -1.49
CA ALA A 110 -7.90 -19.44 -1.71
C ALA A 110 -6.89 -20.53 -1.40
N LEU A 111 -7.33 -21.54 -0.65
CA LEU A 111 -6.46 -22.65 -0.29
C LEU A 111 -7.27 -23.95 -0.30
N SER A 112 -6.56 -25.07 -0.35
CA SER A 112 -7.19 -26.37 -0.52
C SER A 112 -8.16 -26.65 0.61
N THR A 113 -9.22 -27.39 0.27
CA THR A 113 -10.26 -27.71 1.26
C THR A 113 -9.73 -28.58 2.40
N THR A 114 -8.54 -29.16 2.25
CA THR A 114 -7.94 -30.01 3.27
C THR A 114 -6.63 -29.44 3.80
N SER A 115 -6.41 -28.15 3.65
CA SER A 115 -5.16 -27.55 4.10
C SER A 115 -5.03 -27.65 5.62
N SER A 116 -3.78 -27.59 6.09
CA SER A 116 -3.51 -27.66 7.51
C SER A 116 -3.97 -26.39 8.22
N LEU A 117 -4.17 -26.52 9.53
CA LEU A 117 -4.52 -25.34 10.32
C LEU A 117 -3.47 -24.24 10.17
N ALA A 118 -2.19 -24.60 10.20
CA ALA A 118 -1.14 -23.60 10.05
C ALA A 118 -1.25 -22.89 8.70
N SER A 119 -1.62 -23.62 7.64
CA SER A 119 -1.78 -22.99 6.34
C SER A 119 -2.95 -22.02 6.34
N VAL A 120 -4.09 -22.44 6.89
CA VAL A 120 -5.24 -21.55 6.99
C VAL A 120 -4.89 -20.33 7.84
N LEU A 121 -4.24 -20.56 8.99
CA LEU A 121 -3.83 -19.45 9.84
C LEU A 121 -2.90 -18.52 9.08
N HIS A 122 -1.91 -19.07 8.39
CA HIS A 122 -0.97 -18.23 7.66
C HIS A 122 -1.67 -17.41 6.59
N GLU A 123 -2.65 -18.00 5.90
CA GLU A 123 -3.37 -17.28 4.87
C GLU A 123 -4.10 -16.07 5.46
N ILE A 124 -4.82 -16.28 6.56
CA ILE A 124 -5.53 -15.19 7.20
C ILE A 124 -4.57 -14.06 7.58
N GLU A 125 -3.50 -14.41 8.30
CA GLU A 125 -2.53 -13.39 8.70
C GLU A 125 -1.95 -12.67 7.49
N THR A 126 -1.60 -13.42 6.43
CA THR A 126 -1.02 -12.79 5.25
C THR A 126 -2.02 -11.88 4.55
N LEU A 127 -3.28 -12.30 4.46
CA LEU A 127 -4.29 -11.47 3.81
C LEU A 127 -4.48 -10.15 4.56
N ALA A 128 -4.48 -10.19 5.89
CA ALA A 128 -4.59 -8.97 6.67
C ALA A 128 -3.43 -8.02 6.36
N GLY A 129 -2.20 -8.52 6.46
CA GLY A 129 -1.05 -7.69 6.11
C GLY A 129 -1.13 -7.18 4.69
N ASN A 130 -1.65 -8.00 3.77
CA ASN A 130 -1.77 -7.57 2.39
C ASN A 130 -2.75 -6.42 2.25
N VAL A 131 -3.85 -6.45 3.01
CA VAL A 131 -4.84 -5.39 2.94
C VAL A 131 -4.22 -4.05 3.31
N ILE A 132 -3.47 -4.02 4.42
CA ILE A 132 -2.76 -2.81 4.79
C ILE A 132 -1.76 -2.42 3.71
N ARG A 133 -1.06 -3.41 3.16
CA ARG A 133 -0.09 -3.14 2.09
C ARG A 133 -0.76 -2.57 0.84
N ALA A 134 -1.98 -3.01 0.54
CA ALA A 134 -2.69 -2.50 -0.63
C ALA A 134 -2.92 -1.00 -0.50
N THR A 135 -3.38 -0.54 0.67
CA THR A 135 -3.59 0.88 0.86
C THR A 135 -2.26 1.64 0.82
N GLU A 136 -1.17 1.00 1.23
CA GLU A 136 0.13 1.66 1.22
C GLU A 136 0.71 1.74 -0.18
N VAL A 137 0.52 0.70 -1.00
CA VAL A 137 1.12 0.68 -2.34
C VAL A 137 0.19 1.22 -3.42
N TYR A 138 -1.12 1.33 -3.16
CA TYR A 138 -2.08 1.82 -4.14
C TYR A 138 -2.64 3.19 -3.78
N ALA A 139 -2.11 3.83 -2.73
CA ALA A 139 -2.71 5.07 -2.24
C ALA A 139 -2.86 6.11 -3.35
N GLY A 140 -1.90 6.16 -4.28
CA GLY A 140 -1.98 7.13 -5.35
C GLY A 140 -3.28 7.06 -6.13
N TYR A 141 -3.89 5.87 -6.20
CA TYR A 141 -5.13 5.68 -6.94
C TYR A 141 -6.37 6.09 -6.16
N LEU A 142 -6.22 6.44 -4.88
CA LEU A 142 -7.35 6.80 -4.04
C LEU A 142 -7.57 8.31 -4.05
N LYS A 143 -8.76 8.72 -3.63
CA LYS A 143 -9.22 10.11 -3.75
C LYS A 143 -8.71 10.98 -2.60
N ALA A 144 -8.86 10.53 -1.36
CA ALA A 144 -8.44 11.34 -0.22
C ALA A 144 -8.20 10.47 1.01
N ARG B 4 23.74 2.47 12.84
CA ARG B 4 23.33 3.70 13.51
C ARG B 4 22.75 4.72 12.52
N VAL B 5 23.60 5.20 11.62
CA VAL B 5 23.23 6.26 10.68
C VAL B 5 23.22 5.69 9.26
N TRP B 6 22.29 6.20 8.46
CA TRP B 6 22.13 5.74 7.08
C TRP B 6 23.04 6.53 6.14
N ASN B 7 23.48 5.85 5.09
CA ASN B 7 24.11 6.48 3.93
C ASN B 7 23.48 5.89 2.67
N ALA B 8 23.75 6.55 1.54
CA ALA B 8 23.12 6.14 0.29
C ALA B 8 23.33 4.66 0.01
N ARG B 9 24.58 4.20 0.06
CA ARG B 9 24.86 2.81 -0.27
C ARG B 9 24.12 1.85 0.66
N SER B 10 24.29 2.04 1.97
CA SER B 10 23.68 1.10 2.92
C SER B 10 22.16 1.15 2.87
N LEU B 11 21.59 2.35 2.70
CA LEU B 11 20.14 2.45 2.59
C LEU B 11 19.62 1.74 1.35
N ALA B 12 20.27 1.97 0.20
CA ALA B 12 19.84 1.33 -1.03
C ALA B 12 19.88 -0.19 -0.90
N GLU B 13 20.92 -0.72 -0.26
CA GLU B 13 21.01 -2.16 -0.07
C GLU B 13 20.04 -2.66 0.98
N ALA B 14 19.83 -1.89 2.06
CA ALA B 14 18.82 -2.27 3.04
C ALA B 14 17.44 -2.30 2.41
N LEU B 15 17.14 -1.33 1.54
CA LEU B 15 15.84 -1.30 0.87
C LEU B 15 15.67 -2.48 -0.08
N SER B 16 16.72 -2.83 -0.81
CA SER B 16 16.62 -3.92 -1.78
C SER B 16 16.33 -5.27 -1.12
N GLY B 17 16.53 -5.37 0.20
CA GLY B 17 16.23 -6.56 0.95
C GLY B 17 14.84 -6.62 1.56
N THR B 18 13.98 -5.66 1.23
CA THR B 18 12.63 -5.60 1.79
C THR B 18 11.62 -6.02 0.72
N GLU B 19 10.34 -5.93 1.08
CA GLU B 19 9.26 -6.18 0.14
C GLU B 19 9.17 -5.12 -0.95
N LEU B 20 9.99 -4.07 -0.88
CA LEU B 20 9.96 -3.04 -1.93
C LEU B 20 10.48 -3.58 -3.26
N PHE B 21 11.43 -4.51 -3.24
CA PHE B 21 12.00 -5.11 -4.45
C PHE B 21 11.49 -6.52 -4.70
N SER B 22 11.44 -7.35 -3.65
CA SER B 22 11.04 -8.73 -3.81
C SER B 22 9.62 -8.86 -4.34
N SER B 23 8.80 -7.82 -4.18
CA SER B 23 7.42 -7.84 -4.65
C SER B 23 7.26 -7.27 -6.05
N GLY B 24 8.32 -6.76 -6.65
CA GLY B 24 8.17 -6.03 -7.90
C GLY B 24 7.57 -4.66 -7.75
N GLU B 25 7.51 -4.13 -6.53
CA GLU B 25 6.90 -2.82 -6.30
C GLU B 25 7.77 -1.70 -6.85
N ALA B 26 9.09 -1.84 -6.79
CA ALA B 26 9.96 -0.76 -7.22
C ALA B 26 11.33 -1.31 -7.59
N GLN B 27 12.08 -0.49 -8.32
CA GLN B 27 13.48 -0.76 -8.63
C GLN B 27 14.34 0.25 -7.88
N ILE B 28 15.36 -0.25 -7.18
CA ILE B 28 16.26 0.58 -6.40
C ILE B 28 17.54 0.80 -7.18
N GLU B 29 17.94 2.07 -7.32
CA GLU B 29 19.12 2.44 -8.09
C GLU B 29 20.02 3.28 -7.22
N LEU B 30 21.23 2.80 -6.95
CA LEU B 30 22.24 3.55 -6.23
C LEU B 30 23.03 4.39 -7.21
N ILE B 31 22.92 5.71 -7.09
CA ILE B 31 23.57 6.66 -7.99
C ILE B 31 24.72 7.31 -7.26
N GLU B 32 25.94 7.11 -7.76
CA GLU B 32 27.15 7.68 -7.17
C GLU B 32 27.96 8.39 -8.24
N GLY B 33 28.40 9.61 -7.93
CA GLY B 33 29.21 10.39 -8.84
C GLY B 33 29.86 11.55 -8.11
N ALA B 34 29.45 12.77 -8.45
CA ALA B 34 29.87 13.92 -7.65
C ALA B 34 29.19 13.90 -6.28
N GLU B 35 27.92 13.55 -6.24
CA GLU B 35 27.17 13.33 -5.01
C GLU B 35 26.67 11.90 -4.99
N ALA B 36 26.02 11.52 -3.89
CA ALA B 36 25.54 10.16 -3.69
C ALA B 36 24.07 10.20 -3.30
N SER B 37 23.24 9.52 -4.09
CA SER B 37 21.82 9.41 -3.80
C SER B 37 21.33 8.06 -4.30
N LEU B 38 20.03 7.82 -4.16
CA LEU B 38 19.41 6.61 -4.67
C LEU B 38 18.05 6.95 -5.25
N TYR B 39 17.60 6.12 -6.19
CA TYR B 39 16.33 6.32 -6.87
C TYR B 39 15.46 5.08 -6.69
N VAL B 40 14.21 5.29 -6.32
CA VAL B 40 13.23 4.22 -6.21
C VAL B 40 12.25 4.41 -7.36
N ILE B 41 12.26 3.47 -8.31
CA ILE B 41 11.35 3.50 -9.45
C ILE B 41 10.08 2.75 -9.03
N MET B 42 9.00 3.50 -8.82
CA MET B 42 7.73 2.92 -8.40
C MET B 42 7.04 2.30 -9.60
N ARG B 43 7.07 0.97 -9.68
CA ARG B 43 6.50 0.28 -10.84
C ARG B 43 4.99 0.42 -10.90
N GLU B 44 4.32 0.50 -9.76
CA GLU B 44 2.87 0.61 -9.73
C GLU B 44 2.37 2.00 -10.08
N TYR B 45 3.26 2.98 -10.23
CA TYR B 45 2.89 4.35 -10.56
C TYR B 45 3.54 4.79 -11.86
N GLY B 46 3.52 3.92 -12.87
CA GLY B 46 4.13 4.24 -14.15
C GLY B 46 5.61 4.53 -14.07
N ASP B 47 6.34 3.85 -13.18
CA ASP B 47 7.78 4.04 -13.02
C ASP B 47 8.11 5.44 -12.52
N LEU B 48 7.30 5.95 -11.59
CA LEU B 48 7.57 7.24 -10.98
C LEU B 48 8.89 7.19 -10.22
N PRO B 49 9.90 7.94 -10.64
CA PRO B 49 11.18 7.92 -9.93
C PRO B 49 11.13 8.80 -8.68
N VAL B 50 11.51 8.22 -7.54
CA VAL B 50 11.48 8.89 -6.25
C VAL B 50 12.92 9.09 -5.77
N PHE B 51 13.32 10.34 -5.63
CA PHE B 51 14.66 10.69 -5.18
C PHE B 51 14.77 10.51 -3.68
N VAL B 52 15.80 9.78 -3.24
CA VAL B 52 16.07 9.54 -1.82
C VAL B 52 17.56 9.72 -1.60
N ALA B 53 17.92 10.61 -0.67
CA ALA B 53 19.34 10.89 -0.45
C ALA B 53 19.60 11.36 0.98
N PRO B 54 20.43 10.65 1.73
CA PRO B 54 20.87 11.17 3.03
C PRO B 54 21.75 12.41 2.83
N GLN B 55 21.37 13.50 3.48
CA GLN B 55 22.10 14.76 3.39
C GLN B 55 22.21 15.34 4.79
N GLY B 56 23.41 15.28 5.37
CA GLY B 56 23.63 15.74 6.72
C GLY B 56 22.87 14.91 7.75
N GLU B 57 21.94 15.56 8.45
CA GLU B 57 21.11 14.90 9.44
C GLU B 57 19.80 14.39 8.84
N GLN B 58 19.60 14.56 7.55
CA GLN B 58 18.31 14.33 6.90
C GLN B 58 18.42 13.27 5.81
N ILE B 59 17.32 12.54 5.62
CA ILE B 59 17.12 11.71 4.45
C ILE B 59 16.09 12.42 3.58
N ILE B 60 16.54 13.00 2.48
CA ILE B 60 15.66 13.78 1.62
C ILE B 60 14.91 12.85 0.67
N VAL B 61 13.59 13.00 0.60
CA VAL B 61 12.74 12.22 -0.29
C VAL B 61 11.93 13.21 -1.11
N GLU B 62 12.05 13.12 -2.44
CA GLU B 62 11.28 14.00 -3.30
C GLU B 62 11.07 13.35 -4.65
N ALA B 63 10.04 13.84 -5.36
CA ALA B 63 9.69 13.38 -6.69
C ALA B 63 9.03 14.53 -7.42
N LEU B 64 9.29 14.61 -8.73
CA LEU B 64 8.78 15.72 -9.51
C LEU B 64 7.27 15.57 -9.73
N LEU B 65 6.58 16.71 -9.73
CA LEU B 65 5.16 16.77 -10.09
C LEU B 65 4.97 17.17 -11.55
N TRP B 66 5.52 18.33 -11.93
CA TRP B 66 5.44 18.83 -13.29
C TRP B 66 6.17 20.17 -13.38
N PRO B 67 6.59 20.59 -14.58
CA PRO B 67 7.22 21.91 -14.71
C PRO B 67 6.22 23.02 -14.42
N GLU B 68 6.75 24.16 -13.96
CA GLU B 68 5.89 25.31 -13.71
C GLU B 68 5.09 25.69 -14.96
N SER B 69 5.65 25.46 -16.14
CA SER B 69 4.98 25.82 -17.38
C SER B 69 3.68 25.04 -17.58
N ASP B 70 3.52 23.89 -16.93
CA ASP B 70 2.27 23.15 -17.04
C ASP B 70 1.15 23.77 -16.20
N VAL B 71 1.47 24.66 -15.27
CA VAL B 71 0.46 25.37 -14.50
C VAL B 71 0.02 26.59 -15.30
N THR B 72 -1.29 26.71 -15.54
CA THR B 72 -1.82 27.79 -16.35
C THR B 72 -2.04 29.08 -15.55
N ASP B 73 -1.95 29.02 -14.22
CA ASP B 73 -2.02 30.22 -13.39
C ASP B 73 -1.20 29.93 -12.13
N ALA B 74 0.09 30.24 -12.19
CA ALA B 74 0.97 29.94 -11.07
C ALA B 74 0.55 30.63 -9.79
N THR B 75 -0.09 31.80 -9.90
CA THR B 75 -0.50 32.54 -8.70
C THR B 75 -1.64 31.82 -8.00
N ALA B 76 -2.68 31.44 -8.74
CA ALA B 76 -3.78 30.71 -8.13
C ALA B 76 -3.32 29.37 -7.59
N PHE B 77 -2.43 28.69 -8.33
CA PHE B 77 -1.98 27.37 -7.91
C PHE B 77 -1.15 27.44 -6.63
N ASN B 78 -0.20 28.38 -6.58
CA ASN B 78 0.61 28.54 -5.38
C ASN B 78 -0.27 28.74 -4.16
N GLU B 79 -1.25 29.63 -4.26
CA GLU B 79 -2.10 29.88 -3.11
C GLU B 79 -2.91 28.63 -2.76
N GLU B 80 -3.46 27.97 -3.77
CA GLU B 80 -4.18 26.73 -3.52
C GLU B 80 -3.31 25.72 -2.80
N VAL B 81 -2.04 25.60 -3.20
CA VAL B 81 -1.14 24.65 -2.57
C VAL B 81 -1.03 24.91 -1.08
N LEU B 82 -0.86 26.17 -0.68
CA LEU B 82 -0.77 26.51 0.73
C LEU B 82 -2.09 26.28 1.45
N LEU B 83 -3.21 26.29 0.74
CA LEU B 83 -4.51 26.10 1.36
C LEU B 83 -4.85 24.63 1.61
N SER B 84 -4.16 23.71 0.94
CA SER B 84 -4.53 22.29 0.98
C SER B 84 -3.34 21.43 1.37
N ARG B 85 -2.64 21.80 2.45
CA ARG B 85 -1.58 20.95 2.98
C ARG B 85 -2.15 19.63 3.49
N GLN B 86 -3.21 19.71 4.31
CA GLN B 86 -3.74 18.53 5.00
C GLN B 86 -4.05 17.38 4.05
N LEU B 87 -4.20 17.65 2.75
CA LEU B 87 -4.52 16.58 1.81
C LEU B 87 -3.34 15.66 1.55
N PHE B 88 -2.13 16.06 1.92
CA PHE B 88 -0.92 15.30 1.61
C PHE B 88 -0.11 15.07 2.88
N PRO B 89 -0.20 13.88 3.47
CA PRO B 89 0.56 13.59 4.68
C PRO B 89 2.03 13.35 4.37
N LEU B 90 2.88 13.78 5.30
CA LEU B 90 4.31 13.48 5.30
C LEU B 90 5.05 14.07 4.10
N SER B 91 4.44 15.01 3.38
CA SER B 91 5.13 15.64 2.25
C SER B 91 4.43 16.95 1.91
N SER B 92 5.16 17.82 1.22
CA SER B 92 4.66 19.13 0.85
C SER B 92 5.14 19.48 -0.55
N ILE B 93 4.30 20.20 -1.29
CA ILE B 93 4.63 20.64 -2.64
C ILE B 93 5.60 21.80 -2.57
N GLY B 94 6.52 21.86 -3.52
CA GLY B 94 7.53 22.91 -3.53
C GLY B 94 7.94 23.26 -4.95
N LEU B 95 8.79 24.28 -5.05
CA LEU B 95 9.34 24.73 -6.33
C LEU B 95 10.81 24.36 -6.38
N LEU B 96 11.24 23.79 -7.50
CA LEU B 96 12.59 23.29 -7.66
C LEU B 96 13.24 23.89 -8.90
N ASN B 97 14.48 24.33 -8.77
CA ASN B 97 15.23 24.88 -9.89
C ASN B 97 16.02 23.79 -10.61
N GLU B 101 17.10 26.53 -13.88
CA GLU B 101 17.18 25.36 -14.74
C GLU B 101 15.79 24.83 -15.07
N GLU B 102 14.87 25.75 -15.38
CA GLU B 102 13.48 25.39 -15.63
C GLU B 102 12.85 24.84 -14.36
N ARG B 103 12.06 25.66 -13.68
CA ARG B 103 11.49 25.26 -12.39
C ARG B 103 10.36 24.25 -12.58
N CYS B 104 10.35 23.24 -11.71
CA CYS B 104 9.29 22.25 -11.66
C CYS B 104 8.74 22.18 -10.25
N TYR B 105 7.45 21.92 -10.15
CA TYR B 105 6.83 21.69 -8.85
C TYR B 105 7.19 20.28 -8.36
N SER B 106 7.63 20.19 -7.12
CA SER B 106 8.11 18.94 -6.55
C SER B 106 7.37 18.63 -5.26
N MET B 107 7.50 17.39 -4.81
CA MET B 107 6.97 16.93 -3.54
C MET B 107 8.14 16.59 -2.62
N PHE B 108 8.16 17.18 -1.43
CA PHE B 108 9.29 17.09 -0.54
C PHE B 108 8.90 16.38 0.76
N GLY B 109 9.75 15.46 1.19
CA GLY B 109 9.60 14.83 2.49
C GLY B 109 10.96 14.62 3.11
N ALA B 110 10.96 14.32 4.41
CA ALA B 110 12.24 14.16 5.09
C ALA B 110 12.04 13.45 6.41
N LEU B 111 13.05 12.67 6.79
CA LEU B 111 13.16 12.08 8.11
C LEU B 111 14.64 12.05 8.48
N SER B 112 14.94 11.59 9.69
CA SER B 112 16.30 11.59 10.17
C SER B 112 17.09 10.42 9.58
N THR B 113 18.40 10.58 9.49
CA THR B 113 19.27 9.49 9.04
C THR B 113 19.39 8.38 10.07
N THR B 114 18.56 8.41 11.11
CA THR B 114 18.48 7.34 12.09
C THR B 114 17.14 6.64 12.08
N SER B 115 16.18 7.13 11.31
CA SER B 115 14.87 6.50 11.24
C SER B 115 14.99 5.04 10.84
N SER B 116 13.99 4.26 11.22
CA SER B 116 13.98 2.85 10.89
C SER B 116 13.82 2.64 9.38
N LEU B 117 14.28 1.48 8.92
CA LEU B 117 14.12 1.14 7.51
C LEU B 117 12.65 1.21 7.09
N ALA B 118 11.75 0.72 7.95
CA ALA B 118 10.33 0.82 7.64
C ALA B 118 9.87 2.26 7.67
N SER B 119 10.45 3.09 8.54
CA SER B 119 10.11 4.49 8.46
C SER B 119 10.38 5.01 7.06
N VAL B 120 11.59 4.81 6.53
CA VAL B 120 11.93 5.33 5.20
C VAL B 120 11.01 4.75 4.13
N LEU B 121 10.76 3.45 4.18
CA LEU B 121 9.87 2.82 3.21
C LEU B 121 8.50 3.51 3.20
N HIS B 122 7.88 3.64 4.37
CA HIS B 122 6.56 4.27 4.44
CA HIS B 122 6.56 4.28 4.46
C HIS B 122 6.60 5.70 3.91
N GLU B 123 7.68 6.43 4.18
CA GLU B 123 7.80 7.78 3.65
C GLU B 123 7.86 7.77 2.12
N ILE B 124 8.61 6.82 1.56
CA ILE B 124 8.70 6.71 0.10
C ILE B 124 7.34 6.36 -0.49
N GLU B 125 6.68 5.34 0.08
CA GLU B 125 5.37 4.95 -0.44
C GLU B 125 4.36 6.07 -0.28
N THR B 126 4.41 6.78 0.85
CA THR B 126 3.46 7.87 1.05
C THR B 126 3.70 9.01 0.05
N LEU B 127 4.95 9.48 -0.04
CA LEU B 127 5.23 10.60 -0.93
C LEU B 127 4.91 10.25 -2.38
N ALA B 128 5.15 9.00 -2.78
CA ALA B 128 4.83 8.58 -4.13
C ALA B 128 3.33 8.69 -4.39
N GLY B 129 2.51 8.16 -3.48
CA GLY B 129 1.08 8.24 -3.65
C GLY B 129 0.57 9.67 -3.70
N ASN B 130 1.15 10.54 -2.88
CA ASN B 130 0.76 11.95 -2.89
C ASN B 130 1.01 12.57 -4.26
N VAL B 131 2.10 12.19 -4.92
CA VAL B 131 2.42 12.75 -6.23
C VAL B 131 1.38 12.32 -7.26
N ILE B 132 0.98 11.05 -7.23
CA ILE B 132 -0.03 10.58 -8.17
C ILE B 132 -1.37 11.24 -7.88
N ARG B 133 -1.77 11.27 -6.60
CA ARG B 133 -3.03 11.91 -6.24
C ARG B 133 -3.01 13.39 -6.56
N ALA B 134 -1.89 14.07 -6.28
CA ALA B 134 -1.80 15.50 -6.57
C ALA B 134 -2.14 15.79 -8.03
N THR B 135 -1.78 14.89 -8.94
CA THR B 135 -2.10 15.10 -10.35
C THR B 135 -3.60 15.11 -10.59
N GLU B 136 -4.37 14.46 -9.71
CA GLU B 136 -5.83 14.44 -9.82
C GLU B 136 -6.47 15.59 -9.03
N VAL B 137 -6.09 15.74 -7.76
CA VAL B 137 -6.64 16.81 -6.93
C VAL B 137 -6.39 18.17 -7.55
N TYR B 138 -5.29 18.31 -8.28
CA TYR B 138 -4.92 19.59 -8.89
C TYR B 138 -5.07 19.60 -10.40
N ALA B 139 -5.57 18.51 -10.99
CA ALA B 139 -5.96 18.55 -12.39
C ALA B 139 -7.01 19.64 -12.59
N GLY B 140 -6.81 20.47 -13.60
CA GLY B 140 -7.63 21.65 -13.77
C GLY B 140 -6.77 22.89 -13.67
N TYR B 141 -5.89 22.94 -12.65
CA TYR B 141 -4.83 23.92 -12.62
C TYR B 141 -3.75 23.64 -13.65
N LEU B 142 -3.77 22.46 -14.28
CA LEU B 142 -2.73 22.05 -15.20
C LEU B 142 -3.12 22.40 -16.63
N LYS B 143 -2.23 22.08 -17.56
CA LYS B 143 -2.32 22.53 -18.94
C LYS B 143 -2.87 21.43 -19.83
N ALA B 144 -3.64 21.83 -20.84
CA ALA B 144 -4.28 20.90 -21.78
C ALA B 144 -3.28 19.88 -22.31
#